data_2Z69
#
_entry.id   2Z69
#
_cell.length_a   56.145
_cell.length_b   105.534
_cell.length_c   74.838
_cell.angle_alpha   90.00
_cell.angle_beta   97.97
_cell.angle_gamma   90.00
#
_symmetry.space_group_name_H-M   'C 1 2 1'
#
loop_
_entity.id
_entity.type
_entity.pdbx_description
1 polymer 'DNR protein'
2 water water
#
_entity_poly.entity_id   1
_entity_poly.type   'polypeptide(L)'
_entity_poly.pdbx_seq_one_letter_code
;GSHMEFQRVHQQLLQSHHLFEPLSPVQLQELLASSDLVNLDKGAYVFRQGEPAHAFYYLISGCVKIYRLTPEGQEKILEV
TNERNTFAEAMMFMDTPNYVATAQAVVPSQLFRFSNKAYLRQLQDNTPLALALLAKLSTRLHQRIDEIETLSLK
;
_entity_poly.pdbx_strand_id   A,B,C
#
# COMPACT_ATOMS: atom_id res chain seq x y z
N GLY A 1 -31.09 17.67 33.24
CA GLY A 1 -29.73 18.25 33.03
C GLY A 1 -29.46 19.33 34.05
N SER A 2 -28.43 20.15 33.78
CA SER A 2 -27.93 21.20 34.70
C SER A 2 -27.27 20.55 35.90
N HIS A 3 -28.03 19.72 36.61
CA HIS A 3 -27.49 18.73 37.54
C HIS A 3 -26.47 17.87 36.75
N MET A 4 -26.69 17.83 35.44
CA MET A 4 -26.05 16.93 34.48
C MET A 4 -26.08 15.51 35.00
N GLU A 5 -27.29 15.10 35.41
CA GLU A 5 -27.52 13.77 35.88
C GLU A 5 -26.68 12.79 35.07
N PHE A 6 -26.80 12.80 33.74
CA PHE A 6 -26.27 11.69 32.96
C PHE A 6 -24.73 11.52 33.09
N GLN A 7 -23.95 12.57 32.87
CA GLN A 7 -22.47 12.51 32.99
C GLN A 7 -22.00 12.23 34.43
N ARG A 8 -22.60 12.91 35.40
CA ARG A 8 -22.20 12.67 36.77
C ARG A 8 -22.52 11.23 37.23
N VAL A 9 -23.55 10.62 36.65
CA VAL A 9 -23.88 9.26 37.02
C VAL A 9 -22.84 8.29 36.41
N HIS A 10 -22.54 8.47 35.12
CA HIS A 10 -21.84 7.47 34.30
C HIS A 10 -20.35 7.72 33.96
N GLN A 11 -19.84 8.91 34.31
CA GLN A 11 -18.46 9.28 33.96
C GLN A 11 -17.38 8.36 34.59
N GLN A 12 -17.55 7.96 35.84
CA GLN A 12 -16.59 7.06 36.47
C GLN A 12 -16.44 5.75 35.67
N LEU A 13 -17.56 5.15 35.28
CA LEU A 13 -17.58 3.92 34.49
C LEU A 13 -16.89 4.10 33.11
N LEU A 14 -17.32 5.12 32.36
CA LEU A 14 -16.80 5.35 31.01
C LEU A 14 -15.33 5.70 31.02
N GLN A 15 -14.93 6.48 32.02
CA GLN A 15 -13.54 6.92 32.08
C GLN A 15 -12.60 5.78 32.36
N SER A 16 -13.16 4.61 32.68
CA SER A 16 -12.39 3.39 32.79
C SER A 16 -12.15 2.68 31.45
N HIS A 17 -12.73 3.17 30.37
CA HIS A 17 -12.52 2.60 29.04
C HIS A 17 -11.68 3.56 28.15
N HIS A 18 -10.72 3.01 27.40
CA HIS A 18 -9.79 3.80 26.59
C HIS A 18 -10.42 4.73 25.54
N LEU A 19 -11.65 4.48 25.11
CA LEU A 19 -12.23 5.34 24.07
C LEU A 19 -12.71 6.66 24.65
N PHE A 20 -12.95 6.70 25.97
CA PHE A 20 -13.55 7.88 26.63
C PHE A 20 -12.64 8.56 27.65
N GLU A 21 -11.73 7.79 28.24
CA GLU A 21 -10.77 8.30 29.21
C GLU A 21 -9.97 9.55 28.77
N PRO A 22 -9.52 9.63 27.48
CA PRO A 22 -8.78 10.81 27.03
C PRO A 22 -9.66 12.07 26.87
N LEU A 23 -10.97 11.92 26.81
CA LEU A 23 -11.84 13.05 26.56
C LEU A 23 -11.85 13.99 27.76
N SER A 24 -11.71 15.29 27.47
CA SER A 24 -11.80 16.34 28.47
C SER A 24 -13.24 16.37 29.04
N PRO A 25 -13.44 17.06 30.19
CA PRO A 25 -14.79 17.29 30.77
C PRO A 25 -15.82 17.73 29.75
N VAL A 26 -15.51 18.79 28.99
CA VAL A 26 -16.44 19.30 27.97
C VAL A 26 -16.69 18.30 26.83
N GLN A 27 -15.63 17.64 26.35
CA GLN A 27 -15.78 16.66 25.26
C GLN A 27 -16.67 15.50 25.65
N LEU A 28 -16.51 15.00 26.88
CA LEU A 28 -17.39 13.94 27.40
C LEU A 28 -18.82 14.48 27.56
N GLN A 29 -18.96 15.72 28.04
CA GLN A 29 -20.27 16.32 28.16
C GLN A 29 -20.98 16.32 26.81
N GLU A 30 -20.32 16.89 25.77
CA GLU A 30 -20.87 16.95 24.42
C GLU A 30 -21.16 15.56 23.83
N LEU A 31 -20.29 14.57 24.06
CA LEU A 31 -20.60 13.22 23.60
C LEU A 31 -21.89 12.70 24.24
N LEU A 32 -21.97 12.84 25.55
CA LEU A 32 -23.07 12.27 26.30
C LEU A 32 -24.38 12.98 26.05
N ALA A 33 -24.35 14.23 25.58
CA ALA A 33 -25.61 14.95 25.44
C ALA A 33 -26.41 14.22 24.38
N SER A 34 -25.68 13.54 23.49
CA SER A 34 -26.25 12.73 22.43
C SER A 34 -26.15 11.22 22.70
N SER A 35 -26.01 10.82 23.95
CA SER A 35 -25.97 9.41 24.34
C SER A 35 -27.12 9.01 25.24
N ASP A 36 -27.36 7.69 25.28
CA ASP A 36 -28.54 7.07 25.84
C ASP A 36 -28.16 5.75 26.52
N LEU A 37 -28.92 5.34 27.53
CA LEU A 37 -28.77 4.02 28.12
C LEU A 37 -30.00 3.21 27.67
N VAL A 38 -29.77 2.00 27.17
CA VAL A 38 -30.75 1.20 26.47
C VAL A 38 -30.81 -0.16 27.17
N ASN A 39 -32.02 -0.62 27.51
CA ASN A 39 -32.22 -1.95 28.08
C ASN A 39 -32.85 -2.84 27.00
N LEU A 40 -32.20 -3.96 26.68
CA LEU A 40 -32.70 -4.87 25.62
C LEU A 40 -33.10 -6.19 26.19
N ASP A 41 -34.26 -6.71 25.73
CA ASP A 41 -34.71 -8.03 26.12
C ASP A 41 -33.85 -9.12 25.49
N LYS A 42 -33.84 -10.29 26.09
CA LYS A 42 -33.21 -11.47 25.51
C LYS A 42 -33.59 -11.54 24.04
N GLY A 43 -32.59 -11.53 23.17
CA GLY A 43 -32.85 -11.85 21.78
C GLY A 43 -33.30 -10.69 20.92
N ALA A 44 -33.29 -9.47 21.45
CA ALA A 44 -33.59 -8.30 20.65
C ALA A 44 -32.30 -7.85 19.95
N TYR A 45 -32.46 -7.04 18.91
CA TYR A 45 -31.35 -6.59 18.09
C TYR A 45 -30.92 -5.18 18.47
N VAL A 46 -29.64 -5.02 18.80
CA VAL A 46 -28.98 -3.73 18.92
C VAL A 46 -29.02 -3.04 17.55
N PHE A 47 -28.62 -3.78 16.52
CA PHE A 47 -28.59 -3.30 15.14
C PHE A 47 -28.43 -4.51 14.23
N ARG A 48 -28.81 -4.34 12.97
CA ARG A 48 -28.67 -5.45 12.06
C ARG A 48 -27.74 -5.20 10.89
N GLN A 49 -27.08 -6.29 10.44
CA GLN A 49 -26.22 -6.33 9.27
C GLN A 49 -26.89 -5.61 8.10
N GLY A 50 -26.24 -4.58 7.58
CA GLY A 50 -26.80 -3.84 6.46
C GLY A 50 -27.54 -2.57 6.84
N GLU A 51 -27.76 -2.36 8.14
CA GLU A 51 -28.46 -1.16 8.65
C GLU A 51 -27.50 0.04 8.74
N PRO A 52 -28.01 1.28 8.54
CA PRO A 52 -27.14 2.47 8.62
C PRO A 52 -26.38 2.61 9.97
N ALA A 53 -25.13 3.04 9.92
CA ALA A 53 -24.22 3.03 11.07
C ALA A 53 -24.02 4.40 11.69
N HIS A 54 -24.80 4.70 12.70
CA HIS A 54 -24.84 6.03 13.27
C HIS A 54 -24.51 6.07 14.73
N ALA A 55 -24.39 4.88 15.31
CA ALA A 55 -24.12 4.71 16.74
C ALA A 55 -23.11 3.59 16.99
N PHE A 56 -22.39 3.72 18.09
CA PHE A 56 -21.61 2.61 18.66
C PHE A 56 -22.01 2.42 20.12
N TYR A 57 -21.55 1.34 20.73
CA TYR A 57 -22.14 0.88 21.98
C TYR A 57 -21.10 0.47 23.00
N TYR A 58 -21.47 0.52 24.26
CA TYR A 58 -20.70 -0.02 25.36
C TYR A 58 -21.61 -0.98 26.10
N LEU A 59 -21.22 -2.25 26.19
CA LEU A 59 -22.03 -3.22 26.90
C LEU A 59 -21.79 -3.12 28.39
N ILE A 60 -22.76 -2.61 29.14
CA ILE A 60 -22.67 -2.55 30.60
C ILE A 60 -22.90 -3.94 31.23
N SER A 61 -24.10 -4.47 31.17
CA SER A 61 -24.38 -5.80 31.74
C SER A 61 -25.10 -6.62 30.70
N GLY A 62 -24.88 -7.93 30.72
CA GLY A 62 -25.55 -8.82 29.78
C GLY A 62 -24.60 -9.31 28.72
N CYS A 63 -25.10 -9.58 27.52
CA CYS A 63 -24.30 -10.35 26.59
C CYS A 63 -24.74 -10.11 25.17
N VAL A 64 -23.81 -9.67 24.34
CA VAL A 64 -24.16 -9.38 22.95
C VAL A 64 -23.29 -10.26 22.04
N LYS A 65 -23.97 -10.90 21.05
CA LYS A 65 -23.29 -11.82 20.08
C LYS A 65 -23.30 -11.12 18.77
N ILE A 66 -22.03 -11.10 18.08
CA ILE A 66 -21.86 -10.36 16.83
C ILE A 66 -21.34 -11.31 15.80
N TYR A 67 -22.04 -11.34 14.65
CA TYR A 67 -21.84 -12.34 13.64
C TYR A 67 -22.32 -11.82 12.28
N ARG A 68 -21.71 -12.39 11.23
CA ARG A 68 -22.01 -12.05 9.82
C ARG A 68 -22.86 -13.14 9.18
N LEU A 69 -23.36 -12.85 7.98
CA LEU A 69 -24.19 -13.79 7.19
C LEU A 69 -23.37 -14.47 6.08
N THR A 70 -23.96 -15.55 5.47
CA THR A 70 -23.19 -16.41 4.54
C THR A 70 -23.66 -16.34 3.06
N PRO A 71 -22.78 -16.71 2.08
CA PRO A 71 -23.14 -16.65 0.63
C PRO A 71 -24.33 -17.62 0.29
N ILE A 77 -20.11 -15.01 12.87
CA ILE A 77 -19.13 -15.89 13.61
C ILE A 77 -17.99 -15.01 14.16
N LEU A 78 -18.34 -13.91 14.83
CA LEU A 78 -17.32 -12.86 15.02
C LEU A 78 -16.73 -12.65 16.44
N GLU A 79 -17.58 -12.32 17.41
CA GLU A 79 -17.17 -12.06 18.79
C GLU A 79 -18.46 -12.02 19.65
N VAL A 80 -18.17 -12.57 20.94
CA VAL A 80 -19.13 -12.45 22.03
C VAL A 80 -18.63 -11.30 22.88
N THR A 81 -19.31 -10.15 22.78
CA THR A 81 -18.92 -8.96 23.51
C THR A 81 -18.95 -9.27 24.99
N ASN A 82 -17.83 -9.04 25.64
CA ASN A 82 -17.71 -9.19 27.08
C ASN A 82 -18.32 -7.94 27.66
N GLU A 83 -18.93 -8.06 28.84
CA GLU A 83 -19.33 -6.90 29.60
C GLU A 83 -18.14 -5.93 29.72
N ARG A 84 -18.42 -4.63 29.74
CA ARG A 84 -17.38 -3.61 29.95
C ARG A 84 -16.52 -3.37 28.71
N ASN A 85 -17.10 -3.68 27.56
CA ASN A 85 -16.42 -3.54 26.27
C ASN A 85 -17.30 -2.83 25.27
N THR A 86 -16.68 -2.15 24.31
CA THR A 86 -17.45 -1.40 23.28
C THR A 86 -17.59 -2.27 22.07
N PHE A 87 -18.56 -1.94 21.20
CA PHE A 87 -18.64 -2.59 19.91
C PHE A 87 -19.21 -1.68 18.88
N ALA A 88 -18.84 -1.97 17.63
CA ALA A 88 -19.27 -1.18 16.47
C ALA A 88 -18.53 0.14 16.31
N GLU A 89 -17.53 0.40 17.17
CA GLU A 89 -16.76 1.64 17.03
C GLU A 89 -15.87 1.61 15.77
N ALA A 90 -15.62 0.42 15.26
CA ALA A 90 -14.88 0.28 13.99
C ALA A 90 -15.62 0.87 12.79
N MET A 91 -16.96 0.96 12.84
CA MET A 91 -17.71 1.60 11.75
C MET A 91 -17.33 3.05 11.42
N MET A 92 -16.83 3.78 12.42
CA MET A 92 -16.42 5.16 12.22
C MET A 92 -15.16 5.29 11.31
N PHE A 93 -14.39 4.20 11.23
CA PHE A 93 -13.10 4.20 10.55
C PHE A 93 -13.09 3.15 9.44
N MET A 94 -14.21 3.07 8.72
CA MET A 94 -14.31 2.38 7.43
C MET A 94 -15.30 3.15 6.56
N ASP A 95 -15.11 3.07 5.25
CA ASP A 95 -15.76 4.00 4.32
C ASP A 95 -17.23 3.70 4.00
N THR A 96 -17.70 2.51 4.40
CA THR A 96 -19.11 2.14 4.22
C THR A 96 -19.97 2.78 5.32
N PRO A 97 -21.09 3.43 4.94
CA PRO A 97 -21.91 4.15 5.92
C PRO A 97 -22.96 3.27 6.62
N ASN A 98 -23.05 2.00 6.23
CA ASN A 98 -23.99 1.06 6.84
C ASN A 98 -23.25 -0.05 7.60
N TYR A 99 -23.85 -0.53 8.69
CA TYR A 99 -23.34 -1.68 9.47
C TYR A 99 -23.01 -2.91 8.61
N VAL A 100 -21.90 -3.57 8.96
CA VAL A 100 -21.38 -4.71 8.20
C VAL A 100 -21.65 -6.06 8.90
N ALA A 101 -22.40 -6.02 10.03
CA ALA A 101 -22.74 -7.23 10.83
C ALA A 101 -23.94 -6.98 11.76
N THR A 102 -24.40 -8.03 12.44
CA THR A 102 -25.60 -8.00 13.32
C THR A 102 -25.20 -8.25 14.78
N ALA A 103 -25.70 -7.38 15.66
CA ALA A 103 -25.50 -7.54 17.08
C ALA A 103 -26.89 -7.79 17.67
N GLN A 104 -26.99 -8.90 18.44
CA GLN A 104 -28.22 -9.31 19.11
C GLN A 104 -27.91 -9.58 20.58
N ALA A 105 -28.76 -9.09 21.46
CA ALA A 105 -28.62 -9.46 22.87
C ALA A 105 -29.05 -10.91 23.01
N VAL A 106 -28.33 -11.69 23.83
CA VAL A 106 -28.65 -13.09 24.03
C VAL A 106 -29.10 -13.37 25.47
N VAL A 107 -29.03 -12.34 26.29
CA VAL A 107 -29.77 -12.27 27.54
C VAL A 107 -30.23 -10.83 27.65
N PRO A 108 -31.09 -10.53 28.65
CA PRO A 108 -31.39 -9.16 29.01
C PRO A 108 -30.07 -8.37 29.21
N SER A 109 -29.86 -7.35 28.37
CA SER A 109 -28.63 -6.55 28.41
C SER A 109 -28.90 -5.07 28.64
N GLN A 110 -27.94 -4.41 29.26
CA GLN A 110 -27.91 -2.96 29.30
C GLN A 110 -26.67 -2.41 28.56
N LEU A 111 -26.88 -1.41 27.73
CA LEU A 111 -25.81 -0.76 26.94
C LEU A 111 -25.90 0.74 26.97
N PHE A 112 -24.76 1.38 26.78
CA PHE A 112 -24.71 2.76 26.34
C PHE A 112 -24.78 2.79 24.81
N ARG A 113 -25.54 3.73 24.29
CA ARG A 113 -25.57 3.99 22.88
C ARG A 113 -24.97 5.37 22.64
N PHE A 114 -23.92 5.44 21.82
CA PHE A 114 -23.21 6.73 21.63
C PHE A 114 -23.36 7.20 20.20
N SER A 115 -23.51 8.51 20.00
CA SER A 115 -23.54 9.06 18.64
C SER A 115 -22.15 9.07 17.94
N ASN A 116 -22.01 8.39 16.80
CA ASN A 116 -20.76 8.45 16.00
C ASN A 116 -20.38 9.88 15.64
N LYS A 117 -21.37 10.64 15.18
CA LYS A 117 -21.15 12.03 14.81
C LYS A 117 -20.56 12.86 15.98
N ALA A 118 -21.16 12.75 17.16
CA ALA A 118 -20.69 13.52 18.29
C ALA A 118 -19.32 13.02 18.74
N TYR A 119 -19.08 11.73 18.58
CA TYR A 119 -17.77 11.21 18.95
C TYR A 119 -16.66 11.73 18.04
N LEU A 120 -16.91 11.68 16.73
CA LEU A 120 -15.90 12.13 15.79
C LEU A 120 -15.65 13.65 15.94
N ARG A 121 -16.71 14.40 16.20
CA ARG A 121 -16.64 15.81 16.59
C ARG A 121 -15.56 16.03 17.72
N GLN A 122 -15.60 15.23 18.78
CA GLN A 122 -14.66 15.33 19.91
C GLN A 122 -13.23 14.96 19.52
N LEU A 123 -13.13 13.90 18.73
CA LEU A 123 -11.85 13.43 18.19
C LEU A 123 -11.11 14.56 17.45
N GLN A 124 -11.86 15.39 16.72
CA GLN A 124 -11.31 16.56 16.04
C GLN A 124 -10.47 17.49 16.94
N ASP A 125 -10.70 17.46 18.25
CA ASP A 125 -9.92 18.32 19.17
C ASP A 125 -9.18 17.54 20.26
N ASN A 126 -8.72 16.35 19.95
CA ASN A 126 -8.11 15.50 20.96
C ASN A 126 -6.98 14.67 20.38
N THR A 127 -5.77 15.21 20.38
CA THR A 127 -4.66 14.50 19.76
C THR A 127 -4.31 13.20 20.48
N PRO A 128 -4.23 13.19 21.84
CA PRO A 128 -3.96 11.90 22.48
C PRO A 128 -4.93 10.78 22.04
N LEU A 129 -6.21 11.09 21.84
CA LEU A 129 -7.19 10.11 21.34
C LEU A 129 -6.90 9.69 19.90
N ALA A 130 -6.68 10.67 19.01
CA ALA A 130 -6.28 10.42 17.62
C ALA A 130 -5.02 9.51 17.55
N LEU A 131 -4.09 9.69 18.48
CA LEU A 131 -2.86 8.88 18.49
C LEU A 131 -3.16 7.45 18.91
N ALA A 132 -3.89 7.32 20.03
CA ALA A 132 -4.29 6.04 20.57
C ALA A 132 -5.07 5.22 19.53
N LEU A 133 -5.94 5.87 18.76
CA LEU A 133 -6.67 5.18 17.67
C LEU A 133 -5.74 4.77 16.53
N LEU A 134 -4.74 5.60 16.25
CA LEU A 134 -3.71 5.24 15.26
C LEU A 134 -2.95 3.97 15.64
N ALA A 135 -2.68 3.79 16.94
CA ALA A 135 -1.94 2.61 17.46
C ALA A 135 -2.81 1.36 17.40
N LYS A 136 -4.11 1.56 17.61
CA LYS A 136 -5.07 0.48 17.51
C LYS A 136 -5.18 0.00 16.04
N LEU A 137 -5.28 0.95 15.12
CA LEU A 137 -5.29 0.60 13.70
C LEU A 137 -3.94 0.01 13.26
N SER A 138 -2.83 0.59 13.74
CA SER A 138 -1.48 -0.01 13.55
C SER A 138 -1.41 -1.51 13.86
N THR A 139 -1.97 -1.93 14.99
CA THR A 139 -1.98 -3.37 15.36
C THR A 139 -2.82 -4.21 14.37
N ARG A 140 -3.88 -3.62 13.82
CA ARG A 140 -4.68 -4.28 12.79
C ARG A 140 -3.96 -4.37 11.45
N LEU A 141 -3.27 -3.29 11.05
CA LEU A 141 -2.42 -3.30 9.84
C LEU A 141 -1.20 -4.22 9.98
N HIS A 142 -0.88 -4.60 11.22
CA HIS A 142 0.18 -5.57 11.52
C HIS A 142 -0.21 -6.97 11.06
N GLN A 143 -1.33 -7.05 10.34
CA GLN A 143 -1.65 -8.20 9.52
C GLN A 143 -0.75 -8.10 8.30
N ARG A 144 -1.32 -8.10 7.10
CA ARG A 144 -0.54 -8.08 5.87
C ARG A 144 0.87 -8.65 6.10
N ILE A 145 0.94 -9.92 6.52
CA ILE A 145 2.20 -10.56 6.93
C ILE A 145 3.16 -10.75 5.74
N ASP A 146 2.95 -11.80 4.96
CA ASP A 146 3.62 -11.94 3.66
C ASP A 146 2.74 -11.24 2.61
N GLU A 147 1.67 -10.57 3.17
CA GLU A 147 0.62 -9.97 2.32
C GLU A 147 0.71 -8.44 2.17
N ILE A 148 1.87 -7.87 2.49
CA ILE A 148 2.07 -6.43 2.35
C ILE A 148 2.32 -6.09 0.88
N GLU A 149 1.47 -5.23 0.31
CA GLU A 149 1.57 -4.81 -1.11
C GLU A 149 2.15 -3.40 -1.38
N THR A 150 2.31 -2.59 -0.34
CA THR A 150 2.91 -1.24 -0.47
C THR A 150 3.50 -0.79 0.87
N LEU A 151 4.46 0.14 0.85
CA LEU A 151 5.00 0.69 2.10
C LEU A 151 4.60 2.15 2.23
N SER A 152 3.64 2.56 1.42
CA SER A 152 3.14 3.93 1.43
C SER A 152 1.75 3.97 2.04
N LEU A 153 1.33 5.16 2.42
CA LEU A 153 0.00 5.34 2.99
C LEU A 153 -0.96 6.03 2.01
N MET B 4 21.64 30.30 4.11
CA MET B 4 20.54 29.58 4.80
C MET B 4 19.28 29.51 3.94
N GLU B 5 19.39 30.00 2.71
CA GLU B 5 18.29 30.09 1.72
C GLU B 5 17.64 28.74 1.40
N PHE B 6 18.43 27.66 1.46
CA PHE B 6 17.99 26.32 1.11
C PHE B 6 16.76 25.84 1.89
N GLN B 7 16.56 26.38 3.09
CA GLN B 7 15.43 25.98 3.92
C GLN B 7 14.11 26.46 3.31
N ARG B 8 14.12 27.66 2.73
CA ARG B 8 12.97 28.20 1.99
C ARG B 8 12.55 27.27 0.84
N VAL B 9 13.46 27.01 -0.09
CA VAL B 9 13.19 26.11 -1.23
C VAL B 9 12.74 24.69 -0.82
N HIS B 10 13.33 24.12 0.23
CA HIS B 10 12.93 22.77 0.66
C HIS B 10 11.56 22.77 1.35
N GLN B 11 11.32 23.75 2.23
CA GLN B 11 9.97 23.94 2.78
C GLN B 11 8.97 24.02 1.63
N GLN B 12 9.29 24.79 0.60
CA GLN B 12 8.43 25.02 -0.57
C GLN B 12 7.98 23.75 -1.32
N LEU B 13 8.90 22.84 -1.65
CA LEU B 13 8.54 21.61 -2.38
C LEU B 13 7.88 20.56 -1.48
N LEU B 14 8.31 20.50 -0.22
CA LEU B 14 7.72 19.58 0.74
C LEU B 14 6.32 19.93 1.18
N GLN B 15 5.99 21.23 1.20
CA GLN B 15 4.72 21.68 1.74
C GLN B 15 3.56 21.25 0.82
N SER B 16 3.87 20.97 -0.45
CA SER B 16 2.84 20.54 -1.41
C SER B 16 2.35 19.12 -1.13
N HIS B 17 3.24 18.30 -0.61
CA HIS B 17 2.98 16.90 -0.39
C HIS B 17 2.10 16.63 0.84
N HIS B 18 1.08 15.78 0.69
CA HIS B 18 0.10 15.51 1.76
C HIS B 18 0.65 15.09 3.13
N LEU B 19 1.88 14.56 3.19
CA LEU B 19 2.45 14.12 4.49
C LEU B 19 2.98 15.26 5.34
N PHE B 20 3.24 16.39 4.68
CA PHE B 20 3.90 17.54 5.30
C PHE B 20 3.01 18.77 5.21
N GLU B 21 1.98 18.70 4.36
CA GLU B 21 1.03 19.81 4.16
C GLU B 21 0.38 20.35 5.45
N PRO B 22 -0.23 19.47 6.27
CA PRO B 22 -0.93 19.99 7.47
C PRO B 22 0.01 20.55 8.55
N LEU B 23 1.31 20.34 8.36
CA LEU B 23 2.33 20.89 9.26
C LEU B 23 2.44 22.39 9.07
N SER B 24 2.66 23.10 10.18
CA SER B 24 2.94 24.53 10.16
C SER B 24 4.35 24.69 9.62
N PRO B 25 4.68 25.88 9.06
CA PRO B 25 6.06 26.26 8.72
C PRO B 25 7.09 25.92 9.81
N VAL B 26 6.75 26.17 11.06
CA VAL B 26 7.63 25.89 12.20
C VAL B 26 7.93 24.38 12.31
N GLN B 27 6.89 23.57 12.29
CA GLN B 27 7.01 22.11 12.39
C GLN B 27 7.79 21.50 11.24
N LEU B 28 7.58 22.04 10.04
CA LEU B 28 8.26 21.58 8.83
C LEU B 28 9.77 21.83 8.91
N GLN B 29 10.12 23.04 9.34
CA GLN B 29 11.50 23.45 9.59
C GLN B 29 12.18 22.47 10.55
N GLU B 30 11.50 22.12 11.63
CA GLU B 30 12.06 21.23 12.66
C GLU B 30 12.30 19.82 12.12
N LEU B 31 11.40 19.38 11.24
CA LEU B 31 11.48 18.08 10.58
C LEU B 31 12.67 18.00 9.62
N LEU B 32 12.77 19.02 8.75
CA LEU B 32 13.96 19.22 7.91
C LEU B 32 15.28 19.28 8.69
N ALA B 33 15.26 19.96 9.82
CA ALA B 33 16.47 20.11 10.65
C ALA B 33 17.06 18.76 11.12
N SER B 34 16.19 17.79 11.37
CA SER B 34 16.62 16.45 11.79
C SER B 34 16.75 15.44 10.62
N SER B 35 16.47 15.88 9.40
CA SER B 35 16.60 14.98 8.26
C SER B 35 18.08 14.84 7.79
N ASP B 36 18.34 13.80 7.02
CA ASP B 36 19.63 13.59 6.35
C ASP B 36 19.42 13.71 4.84
N LEU B 37 20.37 14.31 4.15
CA LEU B 37 20.40 14.25 2.70
C LEU B 37 21.11 12.96 2.24
N VAL B 38 20.49 12.27 1.28
CA VAL B 38 20.96 10.94 0.89
C VAL B 38 21.20 10.97 -0.59
N ASN B 39 22.39 10.54 -0.99
CA ASN B 39 22.78 10.56 -2.38
C ASN B 39 23.04 9.14 -2.89
N LEU B 40 22.45 8.77 -4.04
CA LEU B 40 22.59 7.37 -4.48
C LEU B 40 22.88 7.18 -5.94
N ASP B 41 23.77 6.25 -6.25
CA ASP B 41 24.02 5.87 -7.62
C ASP B 41 22.95 4.87 -8.04
N LYS B 42 22.80 4.68 -9.35
CA LYS B 42 21.93 3.66 -9.92
C LYS B 42 22.38 2.35 -9.36
N GLY B 43 21.43 1.59 -8.82
CA GLY B 43 21.72 0.25 -8.32
C GLY B 43 21.98 0.27 -6.82
N ALA B 44 22.08 1.47 -6.21
CA ALA B 44 22.44 1.54 -4.78
C ALA B 44 21.17 1.38 -3.94
N TYR B 45 21.30 0.82 -2.73
CA TYR B 45 20.15 0.58 -1.87
C TYR B 45 19.79 1.77 -1.02
N VAL B 46 18.50 2.10 -0.95
CA VAL B 46 18.04 3.10 0.04
C VAL B 46 17.95 2.39 1.41
N PHE B 47 17.33 1.21 1.44
CA PHE B 47 17.38 0.34 2.61
C PHE B 47 17.16 -1.09 2.10
N ARG B 48 17.53 -2.06 2.92
CA ARG B 48 17.40 -3.48 2.61
C ARG B 48 16.37 -4.15 3.54
N GLN B 49 15.65 -5.14 3.01
CA GLN B 49 14.66 -5.84 3.77
C GLN B 49 15.39 -6.43 4.99
N GLY B 50 14.79 -6.28 6.16
CA GLY B 50 15.29 -6.90 7.40
C GLY B 50 16.18 -5.97 8.21
N GLU B 51 16.48 -4.81 7.66
CA GLU B 51 17.17 -3.77 8.39
C GLU B 51 16.20 -3.03 9.26
N PRO B 52 16.69 -2.50 10.41
CA PRO B 52 15.84 -1.74 11.32
C PRO B 52 15.15 -0.56 10.64
N ALA B 53 13.82 -0.48 10.74
CA ALA B 53 13.12 0.57 10.01
C ALA B 53 12.92 1.76 10.91
N HIS B 54 13.78 2.76 10.80
CA HIS B 54 13.68 3.98 11.62
C HIS B 54 13.34 5.25 10.82
N ALA B 55 13.25 5.17 9.50
CA ALA B 55 13.10 6.39 8.71
C ALA B 55 12.22 6.16 7.49
N PHE B 56 11.55 7.21 7.02
CA PHE B 56 10.96 7.18 5.68
C PHE B 56 11.64 8.26 4.82
N TYR B 57 11.30 8.27 3.53
CA TYR B 57 12.06 8.99 2.52
C TYR B 57 11.17 9.88 1.65
N TYR B 58 11.68 11.07 1.33
CA TYR B 58 11.13 11.85 0.25
C TYR B 58 12.12 11.81 -0.92
N LEU B 59 11.64 11.48 -2.11
CA LEU B 59 12.50 11.37 -3.29
C LEU B 59 12.58 12.73 -4.00
N ILE B 60 13.71 13.41 -3.83
CA ILE B 60 13.87 14.74 -4.44
C ILE B 60 13.98 14.54 -5.96
N SER B 61 14.90 13.66 -6.38
CA SER B 61 15.15 13.48 -7.82
C SER B 61 15.49 12.03 -8.00
N GLY B 62 15.12 11.48 -9.16
CA GLY B 62 15.46 10.10 -9.45
C GLY B 62 14.24 9.20 -9.39
N CYS B 63 14.48 7.93 -9.03
CA CYS B 63 13.45 6.87 -9.16
C CYS B 63 13.88 5.61 -8.36
N VAL B 64 12.99 5.10 -7.53
CA VAL B 64 13.34 4.01 -6.56
C VAL B 64 12.35 2.86 -6.75
N LYS B 65 12.83 1.63 -6.85
CA LYS B 65 11.92 0.48 -6.89
C LYS B 65 11.90 -0.25 -5.55
N ILE B 66 10.75 -0.79 -5.18
CA ILE B 66 10.59 -1.45 -3.88
C ILE B 66 10.08 -2.88 -4.07
N TYR B 67 10.80 -3.86 -3.52
CA TYR B 67 10.54 -5.29 -3.80
C TYR B 67 10.95 -6.19 -2.63
N ARG B 68 10.36 -7.39 -2.53
CA ARG B 68 10.89 -8.42 -1.65
C ARG B 68 11.50 -9.55 -2.48
N LEU B 69 12.70 -9.98 -2.08
CA LEU B 69 13.38 -11.10 -2.73
C LEU B 69 12.89 -12.39 -2.10
N THR B 70 12.56 -13.35 -2.94
CA THR B 70 12.00 -14.60 -2.50
C THR B 70 13.14 -15.61 -2.23
N PRO B 71 12.85 -16.67 -1.44
CA PRO B 71 13.75 -17.79 -1.15
C PRO B 71 14.41 -18.45 -2.39
N GLU B 72 13.84 -18.19 -3.56
CA GLU B 72 14.38 -18.79 -4.79
C GLU B 72 15.11 -17.75 -5.64
N GLY B 73 15.28 -16.55 -5.08
CA GLY B 73 16.07 -15.50 -5.71
C GLY B 73 15.33 -14.38 -6.42
N GLN B 74 14.03 -14.58 -6.72
CA GLN B 74 13.25 -13.62 -7.55
C GLN B 74 12.60 -12.45 -6.80
N GLU B 75 12.53 -11.29 -7.46
CA GLU B 75 11.92 -10.10 -6.87
C GLU B 75 10.38 -10.13 -6.96
N LYS B 76 9.69 -9.97 -5.85
CA LYS B 76 8.28 -9.54 -5.92
C LYS B 76 8.21 -8.03 -5.75
N ILE B 77 7.66 -7.32 -6.75
CA ILE B 77 7.71 -5.85 -6.75
C ILE B 77 6.50 -5.22 -6.03
N LEU B 78 6.75 -4.28 -5.13
CA LEU B 78 5.68 -3.58 -4.39
C LEU B 78 5.28 -2.29 -5.11
N GLU B 79 6.27 -1.47 -5.47
CA GLU B 79 6.01 -0.20 -6.13
C GLU B 79 7.26 0.36 -6.80
N VAL B 80 7.04 1.26 -7.75
CA VAL B 80 8.10 2.06 -8.31
C VAL B 80 7.74 3.51 -7.94
N THR B 81 8.64 4.19 -7.22
CA THR B 81 8.38 5.56 -6.75
C THR B 81 9.02 6.60 -7.66
N ASN B 82 8.23 7.58 -8.08
CA ASN B 82 8.71 8.69 -8.92
C ASN B 82 9.14 9.89 -8.07
N GLU B 83 9.94 10.79 -8.64
CA GLU B 83 10.40 11.95 -7.87
C GLU B 83 9.24 12.75 -7.28
N ARG B 84 9.55 13.50 -6.22
CA ARG B 84 8.57 14.32 -5.47
C ARG B 84 7.46 13.45 -4.80
N ASN B 85 7.82 12.22 -4.44
CA ASN B 85 6.92 11.32 -3.72
C ASN B 85 7.65 10.71 -2.57
N THR B 86 6.89 10.20 -1.60
CA THR B 86 7.47 9.62 -0.38
C THR B 86 7.32 8.14 -0.47
N PHE B 87 8.10 7.41 0.33
CA PHE B 87 7.94 5.99 0.45
C PHE B 87 8.40 5.53 1.83
N ALA B 88 7.90 4.37 2.25
CA ALA B 88 8.23 3.79 3.57
C ALA B 88 7.55 4.43 4.78
N GLU B 89 6.64 5.38 4.57
CA GLU B 89 5.98 6.06 5.70
C GLU B 89 5.03 5.11 6.45
N ALA B 90 4.54 4.10 5.74
CA ALA B 90 3.70 3.08 6.34
C ALA B 90 4.40 2.32 7.47
N MET B 91 5.72 2.42 7.53
CA MET B 91 6.50 1.57 8.45
C MET B 91 6.29 1.99 9.89
N MET B 92 6.00 3.29 10.07
CA MET B 92 5.71 3.88 11.38
C MET B 92 4.46 3.33 12.06
N PHE B 93 3.55 2.78 11.26
CA PHE B 93 2.23 2.34 11.71
C PHE B 93 2.06 0.87 11.40
N MET B 94 3.17 0.14 11.51
CA MET B 94 3.21 -1.31 11.48
C MET B 94 3.83 -1.74 12.80
N ASP B 95 3.37 -2.83 13.38
CA ASP B 95 4.00 -3.25 14.63
C ASP B 95 5.17 -4.17 14.28
N THR B 96 6.07 -3.67 13.44
CA THR B 96 7.20 -4.46 12.96
C THR B 96 8.48 -3.63 13.03
N PRO B 97 9.55 -4.21 13.61
CA PRO B 97 10.83 -3.51 13.79
C PRO B 97 11.60 -3.19 12.49
N ASN B 98 11.53 -4.08 11.49
CA ASN B 98 12.41 -4.05 10.34
C ASN B 98 11.68 -3.79 9.01
N TYR B 99 12.35 -3.10 8.08
CA TYR B 99 11.86 -2.98 6.71
C TYR B 99 11.43 -4.35 6.19
N VAL B 100 10.22 -4.42 5.67
CA VAL B 100 9.67 -5.66 5.11
C VAL B 100 9.94 -5.79 3.59
N ALA B 101 10.71 -4.88 3.01
CA ALA B 101 11.10 -4.90 1.60
C ALA B 101 12.40 -4.12 1.43
N THR B 102 12.98 -4.16 0.22
CA THR B 102 14.22 -3.47 -0.13
C THR B 102 13.84 -2.36 -1.09
N ALA B 103 14.54 -1.24 -1.02
CA ALA B 103 14.29 -0.08 -1.91
C ALA B 103 15.63 0.19 -2.58
N GLN B 104 15.62 0.25 -3.92
CA GLN B 104 16.84 0.37 -4.71
C GLN B 104 16.66 1.46 -5.74
N ALA B 105 17.65 2.31 -5.89
CA ALA B 105 17.59 3.36 -6.90
C ALA B 105 17.76 2.71 -8.27
N VAL B 106 16.89 3.04 -9.21
CA VAL B 106 17.05 2.56 -10.57
C VAL B 106 17.76 3.59 -11.50
N VAL B 107 17.95 4.82 -11.02
CA VAL B 107 18.82 5.86 -11.65
C VAL B 107 19.50 6.65 -10.51
N PRO B 108 20.53 7.47 -10.81
CA PRO B 108 21.10 8.33 -9.77
C PRO B 108 19.98 9.14 -9.11
N SER B 109 19.93 9.09 -7.77
CA SER B 109 18.79 9.67 -7.06
C SER B 109 19.27 10.48 -5.85
N GLN B 110 18.42 11.39 -5.39
CA GLN B 110 18.71 12.14 -4.19
C GLN B 110 17.46 12.15 -3.31
N LEU B 111 17.66 11.98 -2.01
CA LEU B 111 16.53 11.87 -1.08
C LEU B 111 16.74 12.67 0.18
N PHE B 112 15.63 12.93 0.88
CA PHE B 112 15.62 13.33 2.27
C PHE B 112 15.22 12.12 3.07
N ARG B 113 15.99 11.78 4.10
CA ARG B 113 15.63 10.69 5.02
C ARG B 113 15.08 11.32 6.28
N PHE B 114 13.79 11.09 6.55
CA PHE B 114 13.19 11.64 7.76
C PHE B 114 13.08 10.56 8.83
N SER B 115 13.45 10.89 10.06
CA SER B 115 13.27 10.00 11.20
C SER B 115 11.78 9.76 11.49
N ASN B 116 11.43 8.49 11.69
CA ASN B 116 10.09 8.12 12.16
C ASN B 116 9.82 8.87 13.45
N LYS B 117 10.78 8.80 14.38
CA LYS B 117 10.64 9.44 15.69
C LYS B 117 10.38 10.97 15.65
N ALA B 118 11.08 11.68 14.75
CA ALA B 118 10.88 13.12 14.61
C ALA B 118 9.55 13.44 13.97
N TYR B 119 9.13 12.67 12.98
CA TYR B 119 7.83 12.94 12.36
C TYR B 119 6.70 12.75 13.39
N LEU B 120 6.78 11.66 14.14
CA LEU B 120 5.77 11.31 15.12
C LEU B 120 5.74 12.32 16.28
N ARG B 121 6.86 12.99 16.50
CA ARG B 121 6.91 14.08 17.48
C ARG B 121 6.05 15.25 17.04
N GLN B 122 6.07 15.59 15.74
CA GLN B 122 5.24 16.68 15.18
C GLN B 122 3.78 16.31 15.26
N LEU B 123 3.53 15.04 14.95
CA LEU B 123 2.20 14.48 14.95
C LEU B 123 1.53 14.66 16.30
N GLN B 124 2.28 14.44 17.38
CA GLN B 124 1.77 14.60 18.73
C GLN B 124 1.22 15.99 19.06
N ASP B 125 1.57 17.00 18.26
CA ASP B 125 0.88 18.29 18.35
C ASP B 125 0.36 18.83 17.00
N ASN B 126 -0.17 17.93 16.19
CA ASN B 126 -0.91 18.32 15.01
C ASN B 126 -2.11 17.39 14.84
N THR B 127 -3.24 17.75 15.46
CA THR B 127 -4.47 16.94 15.34
C THR B 127 -4.91 16.74 13.89
N PRO B 128 -4.95 17.80 13.06
CA PRO B 128 -5.30 17.63 11.65
C PRO B 128 -4.47 16.54 10.97
N LEU B 129 -3.15 16.56 11.18
CA LEU B 129 -2.28 15.54 10.60
C LEU B 129 -2.60 14.14 11.14
N ALA B 130 -2.78 14.03 12.45
CA ALA B 130 -3.17 12.75 13.05
C ALA B 130 -4.44 12.20 12.39
N LEU B 131 -5.46 13.05 12.26
CA LEU B 131 -6.73 12.67 11.64
C LEU B 131 -6.60 12.27 10.17
N ALA B 132 -5.76 12.98 9.43
CA ALA B 132 -5.46 12.64 8.04
C ALA B 132 -4.86 11.22 7.91
N LEU B 133 -3.87 10.92 8.75
CA LEU B 133 -3.21 9.60 8.74
C LEU B 133 -4.17 8.53 9.18
N LEU B 134 -5.07 8.89 10.09
CA LEU B 134 -6.12 8.01 10.56
C LEU B 134 -7.05 7.66 9.38
N ALA B 135 -7.40 8.64 8.57
CA ALA B 135 -8.16 8.41 7.32
C ALA B 135 -7.43 7.51 6.31
N LYS B 136 -6.11 7.71 6.17
CA LYS B 136 -5.29 6.92 5.26
C LYS B 136 -5.19 5.47 5.72
N LEU B 137 -4.84 5.29 6.99
CA LEU B 137 -4.72 3.97 7.60
C LEU B 137 -6.02 3.22 7.51
N SER B 138 -7.12 3.96 7.66
CA SER B 138 -8.47 3.41 7.60
C SER B 138 -8.87 2.91 6.20
N THR B 139 -8.50 3.64 5.14
CA THR B 139 -8.75 3.19 3.76
C THR B 139 -7.91 1.94 3.43
N ARG B 140 -6.69 1.90 3.96
CA ARG B 140 -5.77 0.77 3.79
C ARG B 140 -6.29 -0.47 4.52
N LEU B 141 -7.08 -0.25 5.57
CA LEU B 141 -7.66 -1.33 6.36
C LEU B 141 -9.18 -1.38 6.18
N HIS B 142 -9.61 -1.22 4.93
CA HIS B 142 -11.01 -1.36 4.53
C HIS B 142 -11.04 -2.06 3.18
N GLN B 143 -9.88 -2.09 2.51
CA GLN B 143 -9.63 -3.06 1.45
C GLN B 143 -9.52 -4.42 2.11
N ARG B 144 -9.61 -4.42 3.44
CA ARG B 144 -9.73 -5.62 4.25
C ARG B 144 -11.19 -5.84 4.73
N ILE B 145 -12.15 -5.56 3.84
CA ILE B 145 -13.57 -5.71 4.14
C ILE B 145 -14.25 -6.87 3.38
N ASP B 146 -13.49 -7.93 3.15
CA ASP B 146 -14.03 -9.19 2.66
C ASP B 146 -14.00 -10.19 3.81
N GLU B 147 -12.85 -10.23 4.48
CA GLU B 147 -12.66 -11.00 5.69
C GLU B 147 -12.59 -10.05 6.89
N ILE B 148 -13.66 -9.26 7.05
CA ILE B 148 -13.83 -8.38 8.21
C ILE B 148 -14.14 -9.23 9.45
N GLU B 149 -13.21 -9.25 10.41
CA GLU B 149 -13.28 -10.17 11.56
C GLU B 149 -13.92 -9.56 12.82
N THR B 150 -13.93 -8.22 12.89
CA THR B 150 -14.43 -7.49 14.05
C THR B 150 -14.94 -6.10 13.68
N LEU B 151 -15.88 -5.59 14.45
CA LEU B 151 -16.26 -4.17 14.34
C LEU B 151 -15.88 -3.33 15.58
N SER B 152 -14.92 -3.84 16.35
CA SER B 152 -14.37 -3.13 17.48
C SER B 152 -12.93 -2.73 17.14
N LEU B 153 -12.33 -1.93 18.03
CA LEU B 153 -10.93 -1.51 17.88
C LEU B 153 -10.06 -2.25 18.89
N HIS C 10 24.56 -2.47 -31.61
CA HIS C 10 23.25 -2.74 -32.28
C HIS C 10 23.34 -3.95 -33.21
N GLN C 11 24.51 -4.16 -33.80
CA GLN C 11 24.75 -5.35 -34.64
C GLN C 11 25.67 -6.36 -33.92
N GLN C 12 26.05 -6.01 -32.69
CA GLN C 12 26.90 -6.83 -31.82
C GLN C 12 26.61 -6.53 -30.35
N LEU C 13 26.13 -5.31 -30.09
CA LEU C 13 25.64 -4.92 -28.77
C LEU C 13 24.42 -5.77 -28.44
N LEU C 14 23.55 -5.94 -29.44
CA LEU C 14 22.42 -6.84 -29.35
C LEU C 14 22.87 -8.30 -29.46
N GLN C 15 23.97 -8.54 -30.16
CA GLN C 15 24.41 -9.91 -30.46
C GLN C 15 25.16 -10.56 -29.29
N SER C 16 25.46 -9.78 -28.26
CA SER C 16 25.95 -10.33 -27.00
C SER C 16 24.79 -10.91 -26.15
N HIS C 17 23.60 -10.38 -26.37
CA HIS C 17 22.41 -10.77 -25.60
C HIS C 17 21.91 -12.16 -25.98
N HIS C 18 21.56 -12.94 -24.96
CA HIS C 18 21.18 -14.34 -25.14
C HIS C 18 20.12 -14.65 -26.19
N LEU C 19 19.31 -13.66 -26.55
CA LEU C 19 18.22 -13.90 -27.51
C LEU C 19 18.64 -13.69 -28.97
N PHE C 20 19.74 -12.98 -29.17
CA PHE C 20 20.28 -12.64 -30.49
C PHE C 20 21.62 -13.32 -30.73
N GLU C 21 22.36 -13.54 -29.64
CA GLU C 21 23.63 -14.28 -29.62
C GLU C 21 23.71 -15.44 -30.64
N PRO C 22 22.77 -16.41 -30.56
CA PRO C 22 22.94 -17.53 -31.47
C PRO C 22 22.70 -17.21 -32.96
N LEU C 23 22.14 -16.04 -33.26
CA LEU C 23 21.87 -15.66 -34.66
C LEU C 23 23.16 -15.50 -35.48
N SER C 24 23.20 -16.17 -36.62
CA SER C 24 24.24 -15.90 -37.62
C SER C 24 24.07 -14.43 -38.05
N PRO C 25 25.15 -13.78 -38.51
CA PRO C 25 25.03 -12.37 -38.93
C PRO C 25 23.98 -12.14 -40.03
N VAL C 26 23.79 -13.12 -40.92
CA VAL C 26 22.73 -13.06 -41.93
C VAL C 26 21.38 -12.91 -41.23
N GLN C 27 21.11 -13.85 -40.32
CA GLN C 27 19.87 -13.84 -39.50
C GLN C 27 19.68 -12.57 -38.69
N LEU C 28 20.76 -12.03 -38.12
CA LEU C 28 20.67 -10.78 -37.39
C LEU C 28 20.32 -9.61 -38.30
N GLN C 29 20.92 -9.58 -39.49
CA GLN C 29 20.61 -8.48 -40.40
C GLN C 29 19.15 -8.56 -40.83
N GLU C 30 18.71 -9.78 -41.16
CA GLU C 30 17.30 -10.03 -41.50
C GLU C 30 16.34 -9.50 -40.43
N LEU C 31 16.62 -9.82 -39.16
CA LEU C 31 15.80 -9.40 -38.02
C LEU C 31 15.84 -7.88 -37.83
N LEU C 32 17.03 -7.31 -37.91
CA LEU C 32 17.17 -5.87 -37.74
C LEU C 32 16.49 -5.09 -38.88
N ALA C 33 16.31 -5.72 -40.04
CA ALA C 33 15.59 -5.04 -41.15
C ALA C 33 14.16 -4.63 -40.79
N SER C 34 13.53 -5.33 -39.84
CA SER C 34 12.16 -5.01 -39.45
C SER C 34 12.07 -4.37 -38.07
N SER C 35 13.23 -4.16 -37.45
CA SER C 35 13.32 -3.54 -36.12
C SER C 35 13.28 -2.01 -36.18
N ASP C 36 13.09 -1.37 -35.04
CA ASP C 36 13.09 0.09 -34.96
C ASP C 36 13.78 0.57 -33.69
N LEU C 37 14.40 1.74 -33.81
CA LEU C 37 14.90 2.54 -32.70
C LEU C 37 13.80 3.51 -32.25
N VAL C 38 13.38 3.39 -31.00
CA VAL C 38 12.34 4.25 -30.41
C VAL C 38 12.88 5.05 -29.21
N ASN C 39 12.53 6.34 -29.15
CA ASN C 39 12.76 7.18 -27.99
C ASN C 39 11.50 7.35 -27.19
N LEU C 40 11.61 7.18 -25.88
CA LEU C 40 10.48 7.35 -24.99
C LEU C 40 10.72 8.42 -23.92
N ASP C 41 9.75 9.32 -23.76
CA ASP C 41 9.79 10.28 -22.68
C ASP C 41 9.37 9.55 -21.41
N LYS C 42 9.81 10.07 -20.26
CA LYS C 42 9.40 9.57 -18.95
C LYS C 42 7.86 9.58 -18.87
N GLY C 43 7.29 8.44 -18.52
CA GLY C 43 5.84 8.29 -18.44
C GLY C 43 5.20 7.73 -19.69
N ALA C 44 5.98 7.66 -20.78
CA ALA C 44 5.46 7.17 -22.05
C ALA C 44 5.16 5.68 -22.04
N TYR C 45 4.18 5.27 -22.84
CA TYR C 45 3.82 3.86 -22.93
C TYR C 45 4.51 3.16 -24.08
N VAL C 46 5.05 1.99 -23.76
CA VAL C 46 5.60 1.08 -24.76
C VAL C 46 4.43 0.33 -25.36
N PHE C 47 3.72 -0.41 -24.50
CA PHE C 47 2.50 -1.09 -24.91
C PHE C 47 1.49 -1.12 -23.78
N ARG C 48 0.26 -1.53 -24.10
CA ARG C 48 -0.86 -1.55 -23.13
C ARG C 48 -1.44 -2.94 -23.02
N GLN C 49 -1.94 -3.29 -21.83
CA GLN C 49 -2.65 -4.54 -21.68
C GLN C 49 -3.88 -4.40 -22.54
N GLY C 50 -4.24 -5.47 -23.24
CA GLY C 50 -5.31 -5.43 -24.22
C GLY C 50 -4.79 -5.24 -25.64
N GLU C 51 -3.76 -4.41 -25.79
CA GLU C 51 -3.19 -4.07 -27.10
C GLU C 51 -2.71 -5.31 -27.88
N PRO C 52 -2.97 -5.35 -29.21
CA PRO C 52 -2.47 -6.46 -30.04
C PRO C 52 -0.96 -6.62 -29.94
N ALA C 53 -0.50 -7.86 -29.68
CA ALA C 53 0.90 -8.14 -29.26
C ALA C 53 1.77 -8.65 -30.39
N HIS C 54 2.55 -7.76 -31.00
CA HIS C 54 3.30 -8.10 -32.23
C HIS C 54 4.77 -7.86 -32.12
N ALA C 55 5.19 -7.34 -30.97
CA ALA C 55 6.55 -6.90 -30.82
C ALA C 55 7.03 -7.27 -29.45
N PHE C 56 8.34 -7.48 -29.34
CA PHE C 56 9.04 -7.45 -28.07
C PHE C 56 10.15 -6.41 -28.16
N TYR C 57 10.90 -6.21 -27.07
CA TYR C 57 11.67 -4.98 -26.95
C TYR C 57 12.99 -5.21 -26.28
N TYR C 58 14.00 -4.46 -26.70
CA TYR C 58 15.29 -4.43 -26.06
C TYR C 58 15.50 -3.06 -25.49
N LEU C 59 15.73 -2.99 -24.19
CA LEU C 59 15.94 -1.73 -23.51
C LEU C 59 17.42 -1.36 -23.56
N ILE C 60 17.74 -0.26 -24.25
CA ILE C 60 19.14 0.20 -24.43
C ILE C 60 19.52 1.06 -23.24
N SER C 61 18.57 1.89 -22.81
CA SER C 61 18.75 2.78 -21.66
C SER C 61 17.41 3.25 -21.14
N GLY C 62 17.34 3.44 -19.83
CA GLY C 62 16.15 3.91 -19.15
C GLY C 62 15.68 2.79 -18.23
N CYS C 63 14.39 2.78 -17.94
CA CYS C 63 13.77 1.83 -17.02
C CYS C 63 12.29 1.73 -17.35
N VAL C 64 11.81 0.48 -17.47
CA VAL C 64 10.42 0.19 -17.80
C VAL C 64 9.77 -0.71 -16.73
N LYS C 65 8.56 -0.34 -16.31
CA LYS C 65 7.81 -1.17 -15.41
C LYS C 65 6.68 -1.87 -16.13
N ILE C 66 6.40 -3.09 -15.71
CA ILE C 66 5.38 -3.92 -16.37
C ILE C 66 4.38 -4.27 -15.28
N TYR C 67 3.13 -3.84 -15.47
CA TYR C 67 2.11 -4.06 -14.48
C TYR C 67 0.83 -4.69 -15.09
N ARG C 68 0.35 -5.76 -14.45
CA ARG C 68 -0.90 -6.45 -14.80
C ARG C 68 -2.14 -5.75 -14.20
N LEU C 69 -3.33 -6.25 -14.57
CA LEU C 69 -4.67 -5.73 -14.16
C LEU C 69 -4.73 -4.27 -13.67
N GLN C 74 -6.81 -1.59 -9.36
CA GLN C 74 -6.07 -2.85 -9.43
C GLN C 74 -4.89 -2.77 -10.42
N GLU C 75 -3.67 -2.92 -9.90
CA GLU C 75 -2.45 -3.08 -10.72
C GLU C 75 -1.32 -3.74 -9.95
N LYS C 76 -0.97 -4.95 -10.37
CA LYS C 76 0.17 -5.62 -9.81
C LYS C 76 1.41 -5.39 -10.68
N ILE C 77 2.50 -4.93 -10.08
CA ILE C 77 3.75 -4.78 -10.83
C ILE C 77 4.41 -6.13 -11.01
N LEU C 78 4.63 -6.50 -12.27
CA LEU C 78 5.19 -7.81 -12.59
C LEU C 78 6.72 -7.80 -12.52
N GLU C 79 7.31 -6.73 -13.03
CA GLU C 79 8.71 -6.70 -13.29
C GLU C 79 9.09 -5.24 -13.52
N VAL C 80 10.30 -4.90 -13.10
CA VAL C 80 10.92 -3.65 -13.52
C VAL C 80 12.15 -3.96 -14.37
N THR C 81 12.06 -3.61 -15.65
CA THR C 81 13.12 -3.95 -16.60
C THR C 81 14.37 -3.10 -16.43
N ASN C 82 15.49 -3.76 -16.25
CA ASN C 82 16.82 -3.14 -16.23
C ASN C 82 17.34 -2.86 -17.64
N GLU C 83 18.15 -1.81 -17.80
CA GLU C 83 18.71 -1.46 -19.13
C GLU C 83 19.61 -2.57 -19.68
N ARG C 84 19.67 -2.64 -21.01
CA ARG C 84 20.34 -3.74 -21.74
C ARG C 84 19.67 -5.12 -21.56
N ASN C 85 18.38 -5.12 -21.27
CA ASN C 85 17.60 -6.35 -21.17
C ASN C 85 16.37 -6.26 -22.09
N THR C 86 15.86 -7.41 -22.53
CA THR C 86 14.65 -7.45 -23.37
C THR C 86 13.45 -7.59 -22.46
N PHE C 87 12.29 -7.21 -22.98
CA PHE C 87 11.04 -7.56 -22.30
C PHE C 87 9.90 -7.92 -23.27
N ALA C 88 8.96 -8.73 -22.78
CA ALA C 88 7.75 -9.18 -23.49
C ALA C 88 7.99 -10.28 -24.54
N GLU C 89 9.21 -10.82 -24.61
CA GLU C 89 9.51 -11.98 -25.47
C GLU C 89 8.67 -13.20 -25.13
N ALA C 90 8.12 -13.28 -23.92
CA ALA C 90 7.31 -14.45 -23.57
C ALA C 90 5.96 -14.50 -24.31
N MET C 91 5.46 -13.35 -24.74
CA MET C 91 4.18 -13.29 -25.48
C MET C 91 4.22 -14.13 -26.74
N MET C 92 5.41 -14.37 -27.28
CA MET C 92 5.60 -15.23 -28.46
C MET C 92 5.26 -16.69 -28.23
N PHE C 93 5.40 -17.13 -26.98
CA PHE C 93 5.31 -18.53 -26.63
C PHE C 93 4.19 -18.84 -25.66
N MET C 94 3.30 -17.88 -25.47
CA MET C 94 2.01 -18.20 -24.87
C MET C 94 0.93 -18.04 -25.94
N ASP C 95 -0.19 -18.72 -25.77
CA ASP C 95 -1.16 -18.83 -26.83
C ASP C 95 -2.09 -17.61 -26.96
N THR C 96 -1.92 -16.65 -26.07
CA THR C 96 -2.81 -15.48 -26.01
C THR C 96 -2.30 -14.30 -26.87
N PRO C 97 -3.17 -13.76 -27.74
CA PRO C 97 -2.78 -12.77 -28.75
C PRO C 97 -2.59 -11.29 -28.31
N ASN C 98 -3.00 -10.94 -27.09
CA ASN C 98 -2.84 -9.55 -26.65
C ASN C 98 -1.99 -9.44 -25.38
N TYR C 99 -1.23 -8.35 -25.27
CA TYR C 99 -0.34 -8.15 -24.12
C TYR C 99 -1.12 -8.29 -22.84
N VAL C 100 -0.61 -9.12 -21.95
CA VAL C 100 -1.22 -9.36 -20.64
C VAL C 100 -0.77 -8.34 -19.56
N ALA C 101 0.00 -7.33 -19.97
CA ALA C 101 0.35 -6.21 -19.10
C ALA C 101 0.54 -4.91 -19.88
N THR C 102 0.62 -3.80 -19.18
CA THR C 102 1.05 -2.51 -19.73
C THR C 102 2.54 -2.36 -19.42
N ALA C 103 3.31 -1.78 -20.34
CA ALA C 103 4.68 -1.42 -20.03
C ALA C 103 4.78 0.09 -20.21
N GLN C 104 5.41 0.74 -19.22
CA GLN C 104 5.54 2.19 -19.17
C GLN C 104 6.98 2.54 -18.83
N ALA C 105 7.54 3.49 -19.57
CA ALA C 105 8.83 4.04 -19.19
C ALA C 105 8.63 4.95 -17.99
N VAL C 106 9.41 4.73 -16.94
CA VAL C 106 9.24 5.49 -15.71
C VAL C 106 10.31 6.59 -15.64
N VAL C 107 11.31 6.44 -16.51
CA VAL C 107 12.42 7.37 -16.67
C VAL C 107 12.64 7.51 -18.20
N PRO C 108 13.29 8.61 -18.67
CA PRO C 108 13.51 8.69 -20.13
C PRO C 108 14.32 7.51 -20.68
N SER C 109 13.78 6.86 -21.73
CA SER C 109 14.26 5.57 -22.18
C SER C 109 14.37 5.40 -23.68
N GLN C 110 15.30 4.53 -24.08
CA GLN C 110 15.50 4.16 -25.48
C GLN C 110 15.57 2.66 -25.58
N LEU C 111 14.87 2.15 -26.59
CA LEU C 111 14.83 0.72 -26.87
C LEU C 111 14.87 0.44 -28.36
N PHE C 112 15.09 -0.82 -28.70
CA PHE C 112 14.77 -1.34 -30.01
C PHE C 112 13.46 -2.13 -29.92
N ARG C 113 12.65 -2.03 -30.97
CA ARG C 113 11.50 -2.89 -31.13
C ARG C 113 11.76 -3.89 -32.23
N PHE C 114 11.30 -5.11 -31.99
CA PHE C 114 11.51 -6.26 -32.84
C PHE C 114 10.17 -6.88 -33.10
N SER C 115 9.94 -7.30 -34.35
CA SER C 115 8.71 -7.97 -34.73
C SER C 115 8.75 -9.44 -34.25
N ASN C 116 7.67 -9.91 -33.60
CA ASN C 116 7.60 -11.31 -33.14
C ASN C 116 7.70 -12.26 -34.33
N LYS C 117 7.00 -11.90 -35.40
CA LYS C 117 6.94 -12.71 -36.60
C LYS C 117 8.32 -12.81 -37.23
N ALA C 118 9.07 -11.70 -37.27
CA ALA C 118 10.41 -11.69 -37.85
C ALA C 118 11.33 -12.61 -37.10
N TYR C 119 11.19 -12.57 -35.78
CA TYR C 119 11.98 -13.36 -34.89
C TYR C 119 11.70 -14.83 -34.99
N LEU C 120 10.42 -15.19 -34.93
CA LEU C 120 10.00 -16.59 -35.06
C LEU C 120 10.47 -17.17 -36.37
N ARG C 121 10.49 -16.33 -37.40
CA ARG C 121 10.97 -16.69 -38.73
C ARG C 121 12.42 -17.18 -38.71
N GLN C 122 13.30 -16.48 -37.99
CA GLN C 122 14.74 -16.83 -37.89
C GLN C 122 14.99 -18.07 -37.04
N LEU C 123 14.12 -18.27 -36.05
CA LEU C 123 14.27 -19.38 -35.08
C LEU C 123 13.99 -20.69 -35.78
N GLN C 124 13.15 -20.61 -36.82
CA GLN C 124 12.84 -21.73 -37.69
C GLN C 124 14.11 -22.38 -38.24
N ASP C 125 15.15 -21.56 -38.40
CA ASP C 125 16.41 -21.97 -39.00
C ASP C 125 17.49 -22.29 -37.98
N ASN C 126 17.27 -21.93 -36.71
CA ASN C 126 18.35 -21.90 -35.72
C ASN C 126 18.21 -22.89 -34.56
N THR C 127 19.08 -23.90 -34.55
CA THR C 127 19.08 -24.96 -33.54
C THR C 127 19.66 -24.49 -32.19
N PRO C 128 20.93 -24.00 -32.16
CA PRO C 128 21.48 -23.33 -30.98
C PRO C 128 20.58 -22.29 -30.32
N LEU C 129 19.81 -21.51 -31.10
CA LEU C 129 18.90 -20.53 -30.52
C LEU C 129 17.74 -21.24 -29.86
N ALA C 130 17.10 -22.16 -30.58
CA ALA C 130 15.96 -22.88 -30.05
C ALA C 130 16.38 -23.78 -28.89
N LEU C 131 17.68 -23.87 -28.63
CA LEU C 131 18.22 -24.67 -27.52
C LEU C 131 18.62 -23.82 -26.31
N ALA C 132 19.05 -22.58 -26.57
CA ALA C 132 19.27 -21.58 -25.53
C ALA C 132 17.94 -21.21 -24.90
N LEU C 133 16.94 -21.00 -25.75
CA LEU C 133 15.55 -20.74 -25.37
C LEU C 133 15.03 -21.86 -24.47
N LEU C 134 15.30 -23.07 -24.91
CA LEU C 134 14.79 -24.26 -24.26
C LEU C 134 15.38 -24.42 -22.86
N ALA C 135 16.68 -24.19 -22.73
CA ALA C 135 17.35 -24.07 -21.44
C ALA C 135 16.68 -23.01 -20.54
N LYS C 136 16.44 -21.82 -21.11
CA LYS C 136 15.71 -20.72 -20.42
C LYS C 136 14.27 -21.08 -19.98
N LEU C 137 13.44 -21.53 -20.92
CA LEU C 137 12.03 -21.85 -20.67
C LEU C 137 11.83 -23.08 -19.78
N SER C 138 12.85 -23.94 -19.68
CA SER C 138 12.79 -25.10 -18.77
C SER C 138 12.63 -24.63 -17.33
N THR C 139 13.05 -23.39 -17.07
CA THR C 139 12.92 -22.76 -15.76
C THR C 139 11.48 -22.38 -15.41
N ARG C 140 10.73 -21.89 -16.41
CA ARG C 140 9.36 -21.36 -16.26
C ARG C 140 8.30 -22.39 -15.83
N LEU C 141 8.58 -23.67 -16.05
CA LEU C 141 7.66 -24.73 -15.63
C LEU C 141 7.78 -24.90 -14.11
N HIS C 142 6.97 -24.13 -13.38
CA HIS C 142 6.98 -24.12 -11.91
C HIS C 142 6.28 -25.35 -11.32
N GLN C 143 5.10 -25.66 -11.86
CA GLN C 143 4.28 -26.79 -11.41
C GLN C 143 3.95 -26.77 -9.90
N ARG C 144 4.20 -27.88 -9.20
CA ARG C 144 3.84 -28.02 -7.79
C ARG C 144 4.99 -28.62 -6.98
N GLU C 147 -0.19 -27.32 -9.18
CA GLU C 147 -0.12 -26.87 -10.57
C GLU C 147 0.63 -27.86 -11.47
N ILE C 148 1.14 -28.94 -10.88
CA ILE C 148 1.70 -30.06 -11.66
C ILE C 148 0.55 -30.81 -12.34
N GLU C 149 0.29 -30.46 -13.60
CA GLU C 149 -0.76 -31.12 -14.38
C GLU C 149 -0.32 -32.52 -14.80
N THR C 150 0.42 -32.61 -15.91
CA THR C 150 0.94 -33.86 -16.44
C THR C 150 2.46 -33.91 -16.29
N LEU C 151 3.05 -35.05 -16.66
CA LEU C 151 4.48 -35.13 -16.88
C LEU C 151 4.71 -35.43 -18.35
N SER C 152 3.70 -35.10 -19.18
CA SER C 152 3.77 -35.25 -20.61
C SER C 152 4.01 -33.88 -21.25
N LEU C 153 4.62 -33.88 -22.44
CA LEU C 153 5.04 -32.66 -23.16
C LEU C 153 6.20 -31.90 -22.50
#